data_1ZCH
#
_entry.id   1ZCH
#
_cell.length_a   59.101
_cell.length_b   89.075
_cell.length_c   93.608
_cell.angle_alpha   90.00
_cell.angle_beta   90.00
_cell.angle_gamma   90.00
#
_symmetry.space_group_name_H-M   'C 2 2 21'
#
loop_
_entity.id
_entity.type
_entity.pdbx_description
1 polymer 'Hypothetical oxidoreductase ycnD'
2 non-polymer 'CHLORIDE ION'
3 non-polymer 'CALCIUM ION'
4 non-polymer 'FLAVIN MONONUCLEOTIDE'
5 water water
#
_entity_poly.entity_id   1
_entity_poly.type   'polypeptide(L)'
_entity_poly.pdbx_seq_one_letter_code
;MNEVIKSLTDHRSIRSYTDEPVAQEQLDQIIEAVQSAPSSINGQQVTVITVQDKERKKKISELAGGQPWIDQAPVFLLFC
ADFNRAKIALEDLHDFKMEITNGLESVLVGAVDAGIALGTATAAAESLGLGTVPIGAVRGNPQELIELLELPKYVFPLSG
LVIGHPADRSAKKPRLPQEAVNHQETYLNQDELTSHIQAYDEQMSEYMNKRTNGKETRNWSQSIASYYERLYYPHIREML
EKQGFKVEKHHHHHH
;
_entity_poly.pdbx_strand_id   A
#
# COMPACT_ATOMS: atom_id res chain seq x y z
N MET A 1 0.41 21.32 -17.98
CA MET A 1 0.18 20.35 -16.88
C MET A 1 -0.37 21.07 -15.66
N ASN A 2 -1.56 20.65 -15.21
CA ASN A 2 -2.19 21.27 -14.05
C ASN A 2 -1.53 20.84 -12.75
N GLU A 3 -1.97 21.44 -11.65
CA GLU A 3 -1.41 21.16 -10.33
C GLU A 3 -1.56 19.70 -9.90
N VAL A 4 -2.67 19.08 -10.24
CA VAL A 4 -2.88 17.69 -9.87
C VAL A 4 -1.88 16.77 -10.57
N ILE A 5 -1.77 16.91 -11.89
CA ILE A 5 -0.84 16.09 -12.65
C ILE A 5 0.59 16.34 -12.20
N LYS A 6 0.91 17.62 -11.95
CA LYS A 6 2.25 17.95 -11.50
C LYS A 6 2.57 17.26 -10.17
N SER A 7 1.60 17.27 -9.25
CA SER A 7 1.82 16.64 -7.95
C SER A 7 1.97 15.13 -8.09
N LEU A 8 1.08 14.50 -8.86
CA LEU A 8 1.13 13.05 -9.05
C LEU A 8 2.42 12.56 -9.70
N THR A 9 2.89 13.28 -10.71
CA THR A 9 4.11 12.89 -11.41
C THR A 9 5.40 13.25 -10.69
N ASP A 10 5.31 13.94 -9.56
CA ASP A 10 6.50 14.31 -8.81
C ASP A 10 6.70 13.38 -7.60
N HIS A 11 5.88 12.34 -7.53
CA HIS A 11 5.95 11.39 -6.42
C HIS A 11 7.27 10.64 -6.21
N ARG A 12 7.61 10.46 -4.93
CA ARG A 12 8.77 9.68 -4.51
C ARG A 12 8.52 9.35 -3.04
N SER A 13 8.85 8.12 -2.63
CA SER A 13 8.66 7.73 -1.25
C SER A 13 9.68 8.38 -0.33
N ILE A 14 9.23 8.77 0.86
CA ILE A 14 10.08 9.41 1.85
C ILE A 14 10.28 8.45 3.03
N ARG A 15 11.53 8.27 3.45
CA ARG A 15 11.81 7.37 4.58
C ARG A 15 12.63 8.04 5.69
N SER A 16 12.75 9.37 5.59
CA SER A 16 13.45 10.16 6.60
C SER A 16 12.50 11.29 6.96
N TYR A 17 12.06 11.30 8.21
CA TYR A 17 11.10 12.30 8.69
C TYR A 17 11.58 13.12 9.88
N THR A 18 11.01 14.32 10.02
CA THR A 18 11.33 15.20 11.14
C THR A 18 10.34 14.81 12.24
N ASP A 19 10.39 15.50 13.37
CA ASP A 19 9.50 15.21 14.47
C ASP A 19 8.28 16.12 14.47
N GLU A 20 8.15 16.92 13.42
CA GLU A 20 7.04 17.86 13.29
C GLU A 20 5.72 17.08 13.22
N PRO A 21 4.72 17.50 14.00
CA PRO A 21 3.43 16.79 13.99
C PRO A 21 2.64 17.04 12.72
N VAL A 22 1.72 16.14 12.43
CA VAL A 22 0.86 16.29 11.25
C VAL A 22 -0.46 16.82 11.78
N ALA A 23 -0.86 18.00 11.32
CA ALA A 23 -2.09 18.63 11.78
C ALA A 23 -3.33 17.77 11.53
N GLN A 24 -4.23 17.75 12.51
CA GLN A 24 -5.47 16.98 12.42
C GLN A 24 -6.24 17.40 11.17
N GLU A 25 -6.23 18.70 10.89
CA GLU A 25 -6.93 19.23 9.73
C GLU A 25 -6.44 18.60 8.44
N GLN A 26 -5.13 18.36 8.34
CA GLN A 26 -4.57 17.75 7.14
C GLN A 26 -5.00 16.29 7.06
N LEU A 27 -4.99 15.60 8.20
CA LEU A 27 -5.41 14.21 8.22
C LEU A 27 -6.87 14.12 7.79
N ASP A 28 -7.69 15.08 8.21
CA ASP A 28 -9.10 15.08 7.83
C ASP A 28 -9.25 15.20 6.31
N GLN A 29 -8.45 16.07 5.71
CA GLN A 29 -8.50 16.27 4.27
C GLN A 29 -8.09 15.00 3.52
N ILE A 30 -7.05 14.36 4.02
CA ILE A 30 -6.56 13.12 3.41
C ILE A 30 -7.66 12.07 3.48
N ILE A 31 -8.30 11.96 4.64
CA ILE A 31 -9.37 10.99 4.82
C ILE A 31 -10.58 11.33 3.94
N GLU A 32 -10.89 12.61 3.82
CA GLU A 32 -12.03 13.02 2.99
C GLU A 32 -11.75 12.62 1.54
N ALA A 33 -10.51 12.78 1.12
CA ALA A 33 -10.12 12.42 -0.24
C ALA A 33 -10.32 10.92 -0.43
N VAL A 34 -9.87 10.15 0.55
CA VAL A 34 -10.00 8.70 0.50
C VAL A 34 -11.47 8.29 0.39
N GLN A 35 -12.30 8.81 1.28
CA GLN A 35 -13.72 8.47 1.25
C GLN A 35 -14.41 8.87 -0.05
N SER A 36 -13.97 9.98 -0.64
CA SER A 36 -14.56 10.49 -1.87
C SER A 36 -14.23 9.69 -3.13
N ALA A 37 -13.21 8.83 -3.05
CA ALA A 37 -12.83 8.02 -4.19
C ALA A 37 -13.85 6.92 -4.47
N PRO A 38 -13.82 6.34 -5.66
CA PRO A 38 -14.78 5.28 -5.99
C PRO A 38 -14.52 3.97 -5.25
N SER A 39 -15.54 3.14 -5.16
CA SER A 39 -15.43 1.83 -4.51
C SER A 39 -16.47 0.93 -5.17
N SER A 40 -16.17 -0.37 -5.26
CA SER A 40 -17.08 -1.31 -5.89
C SER A 40 -18.47 -1.26 -5.23
N ILE A 41 -19.49 -1.04 -6.07
CA ILE A 41 -20.90 -0.92 -5.66
C ILE A 41 -21.10 0.05 -4.49
N ASN A 42 -20.21 1.03 -4.39
CA ASN A 42 -20.23 2.02 -3.30
C ASN A 42 -20.20 1.27 -1.98
N GLY A 43 -19.59 0.08 -2.00
CA GLY A 43 -19.49 -0.73 -0.80
C GLY A 43 -18.46 -0.21 0.20
N GLN A 44 -17.56 0.66 -0.27
CA GLN A 44 -16.54 1.24 0.60
C GLN A 44 -15.89 0.15 1.46
N GLN A 45 -15.39 -0.88 0.78
CA GLN A 45 -14.76 -2.02 1.42
C GLN A 45 -13.34 -1.83 1.96
N VAL A 46 -13.08 -0.65 2.51
CA VAL A 46 -11.76 -0.36 3.08
C VAL A 46 -11.92 0.44 4.36
N THR A 47 -11.07 0.15 5.35
CA THR A 47 -11.10 0.86 6.61
C THR A 47 -9.69 1.36 6.86
N VAL A 48 -9.60 2.58 7.41
CA VAL A 48 -8.30 3.16 7.69
C VAL A 48 -8.16 3.37 9.19
N ILE A 49 -7.13 2.75 9.78
CA ILE A 49 -6.88 2.91 11.21
C ILE A 49 -5.76 3.93 11.31
N THR A 50 -6.00 5.03 12.02
CA THR A 50 -4.98 6.06 12.21
C THR A 50 -4.31 5.79 13.54
N VAL A 51 -3.00 5.57 13.50
CA VAL A 51 -2.23 5.30 14.71
C VAL A 51 -1.22 6.40 14.95
N GLN A 52 -1.34 7.07 16.09
CA GLN A 52 -0.41 8.15 16.42
C GLN A 52 0.22 7.91 17.80
N ASP A 53 -0.29 6.91 18.52
CA ASP A 53 0.25 6.58 19.84
C ASP A 53 1.66 6.03 19.63
N LYS A 54 2.63 6.67 20.28
CA LYS A 54 4.03 6.26 20.15
C LYS A 54 4.28 4.78 20.42
N GLU A 55 3.78 4.27 21.54
CA GLU A 55 3.98 2.87 21.90
C GLU A 55 3.37 1.89 20.90
N ARG A 56 2.13 2.14 20.52
CA ARG A 56 1.43 1.27 19.57
C ARG A 56 2.12 1.30 18.22
N LYS A 57 2.52 2.49 17.78
CA LYS A 57 3.18 2.66 16.49
C LYS A 57 4.54 1.94 16.49
N LYS A 58 5.21 1.95 17.63
CA LYS A 58 6.51 1.28 17.75
C LYS A 58 6.31 -0.23 17.59
N LYS A 59 5.24 -0.75 18.18
CA LYS A 59 4.95 -2.18 18.08
C LYS A 59 4.66 -2.54 16.63
N ILE A 60 3.92 -1.68 15.94
CA ILE A 60 3.60 -1.92 14.53
C ILE A 60 4.90 -2.00 13.73
N SER A 61 5.81 -1.08 14.00
CA SER A 61 7.09 -1.04 13.30
C SER A 61 7.84 -2.35 13.46
N GLU A 62 7.82 -2.91 14.67
CA GLU A 62 8.51 -4.16 14.95
C GLU A 62 7.87 -5.32 14.19
N LEU A 63 6.54 -5.32 14.13
CA LEU A 63 5.80 -6.37 13.43
C LEU A 63 6.02 -6.26 11.93
N ALA A 64 6.37 -5.07 11.46
CA ALA A 64 6.60 -4.82 10.04
C ALA A 64 8.07 -5.04 9.63
N GLY A 65 8.82 -5.74 10.46
CA GLY A 65 10.22 -6.00 10.14
C GLY A 65 11.16 -4.93 10.66
N GLY A 66 10.68 -4.11 11.59
CA GLY A 66 11.50 -3.06 12.14
C GLY A 66 11.97 -2.04 11.13
N GLN A 67 11.05 -1.21 10.65
CA GLN A 67 11.36 -0.17 9.69
C GLN A 67 11.33 1.15 10.46
N PRO A 68 12.50 1.73 10.72
CA PRO A 68 12.68 2.99 11.46
C PRO A 68 11.81 4.19 11.10
N TRP A 69 11.45 4.32 9.83
CA TRP A 69 10.62 5.45 9.41
C TRP A 69 9.20 5.39 10.00
N ILE A 70 8.75 4.19 10.35
CA ILE A 70 7.42 4.02 10.94
C ILE A 70 7.46 4.62 12.35
N ASP A 71 8.52 4.30 13.09
CA ASP A 71 8.71 4.81 14.45
C ASP A 71 8.94 6.32 14.43
N GLN A 72 9.75 6.75 13.46
CA GLN A 72 10.11 8.15 13.30
C GLN A 72 8.96 9.10 12.92
N ALA A 73 8.14 8.70 11.95
CA ALA A 73 7.03 9.54 11.51
C ALA A 73 5.93 9.60 12.57
N PRO A 74 5.23 10.74 12.68
CA PRO A 74 4.16 10.92 13.66
C PRO A 74 2.85 10.20 13.36
N VAL A 75 2.67 9.80 12.11
CA VAL A 75 1.43 9.13 11.71
C VAL A 75 1.62 7.83 10.94
N PHE A 76 0.87 6.81 11.33
CA PHE A 76 0.88 5.53 10.62
C PHE A 76 -0.58 5.18 10.34
N LEU A 77 -0.92 5.03 9.06
CA LEU A 77 -2.28 4.67 8.67
C LEU A 77 -2.27 3.22 8.23
N LEU A 78 -3.26 2.44 8.65
CA LEU A 78 -3.34 1.05 8.23
C LEU A 78 -4.58 0.89 7.35
N PHE A 79 -4.36 0.51 6.10
CA PHE A 79 -5.47 0.30 5.17
C PHE A 79 -5.83 -1.17 5.20
N CYS A 80 -7.08 -1.46 5.55
CA CYS A 80 -7.58 -2.82 5.65
C CYS A 80 -8.76 -3.07 4.73
N ALA A 81 -8.84 -4.28 4.19
CA ALA A 81 -9.99 -4.66 3.38
C ALA A 81 -11.03 -4.84 4.48
N ASP A 82 -12.27 -4.42 4.24
CA ASP A 82 -13.29 -4.53 5.29
C ASP A 82 -14.65 -5.01 4.77
N PHE A 83 -15.04 -6.21 5.21
CA PHE A 83 -16.35 -6.75 4.85
C PHE A 83 -17.14 -6.95 6.14
N ASN A 84 -16.67 -6.32 7.21
CA ASN A 84 -17.37 -6.39 8.51
C ASN A 84 -18.59 -5.47 8.45
N ARG A 85 -18.44 -4.29 7.87
CA ARG A 85 -19.59 -3.41 7.75
C ARG A 85 -20.62 -4.10 6.85
N ALA A 86 -20.15 -4.87 5.88
CA ALA A 86 -21.06 -5.61 5.00
C ALA A 86 -21.72 -6.71 5.82
N LYS A 87 -20.97 -7.32 6.72
CA LYS A 87 -21.53 -8.37 7.58
C LYS A 87 -22.68 -7.80 8.39
N ILE A 88 -22.45 -6.61 8.97
CA ILE A 88 -23.48 -5.95 9.76
C ILE A 88 -24.71 -5.68 8.91
N ALA A 89 -24.48 -5.17 7.71
CA ALA A 89 -25.57 -4.86 6.80
C ALA A 89 -26.41 -6.08 6.43
N LEU A 90 -25.74 -7.17 6.06
CA LEU A 90 -26.47 -8.38 5.67
C LEU A 90 -27.06 -9.18 6.82
N GLU A 91 -26.21 -9.58 7.75
CA GLU A 91 -26.64 -10.39 8.87
C GLU A 91 -27.46 -9.69 9.95
N ASP A 92 -26.97 -8.55 10.41
CA ASP A 92 -27.65 -7.83 11.46
C ASP A 92 -28.82 -6.95 11.07
N LEU A 93 -28.72 -6.28 9.92
CA LEU A 93 -29.80 -5.39 9.50
C LEU A 93 -30.83 -6.00 8.56
N HIS A 94 -30.51 -7.12 7.94
CA HIS A 94 -31.44 -7.74 7.00
C HIS A 94 -31.57 -9.26 7.11
N ASP A 95 -30.94 -9.83 8.13
CA ASP A 95 -30.99 -11.26 8.38
C ASP A 95 -30.74 -12.10 7.12
N PHE A 96 -29.65 -11.77 6.44
CA PHE A 96 -29.23 -12.47 5.23
C PHE A 96 -27.86 -13.08 5.52
N LYS A 97 -27.52 -14.17 4.84
CA LYS A 97 -26.20 -14.76 5.04
C LYS A 97 -25.27 -14.14 4.00
N MET A 98 -24.09 -13.71 4.43
CA MET A 98 -23.14 -13.11 3.50
C MET A 98 -22.34 -14.22 2.82
N GLU A 99 -22.45 -14.30 1.51
CA GLU A 99 -21.77 -15.34 0.74
C GLU A 99 -20.58 -14.83 -0.07
N ILE A 100 -20.51 -13.53 -0.30
CA ILE A 100 -19.42 -12.98 -1.10
C ILE A 100 -18.06 -13.33 -0.49
N THR A 101 -18.00 -13.42 0.83
CA THR A 101 -16.75 -13.75 1.51
C THR A 101 -16.33 -15.21 1.40
N ASN A 102 -17.14 -16.02 0.71
CA ASN A 102 -16.81 -17.43 0.55
C ASN A 102 -16.10 -17.74 -0.77
N GLY A 103 -15.64 -16.68 -1.44
CA GLY A 103 -14.92 -16.82 -2.69
C GLY A 103 -13.91 -15.70 -2.81
N LEU A 104 -12.86 -15.92 -3.59
CA LEU A 104 -11.81 -14.91 -3.75
C LEU A 104 -12.26 -13.58 -4.34
N GLU A 105 -13.46 -13.52 -4.91
CA GLU A 105 -13.97 -12.27 -5.48
C GLU A 105 -13.97 -11.20 -4.39
N SER A 106 -14.34 -11.58 -3.17
CA SER A 106 -14.37 -10.65 -2.04
C SER A 106 -12.98 -10.12 -1.75
N VAL A 107 -11.98 -10.99 -1.85
CA VAL A 107 -10.59 -10.61 -1.61
C VAL A 107 -10.14 -9.59 -2.66
N LEU A 108 -10.51 -9.82 -3.92
CA LEU A 108 -10.13 -8.89 -4.97
C LEU A 108 -10.84 -7.56 -4.75
N VAL A 109 -12.13 -7.61 -4.41
CA VAL A 109 -12.87 -6.37 -4.17
C VAL A 109 -12.21 -5.55 -3.07
N GLY A 110 -11.89 -6.21 -1.96
CA GLY A 110 -11.26 -5.53 -0.84
C GLY A 110 -9.88 -4.97 -1.15
N ALA A 111 -9.06 -5.77 -1.83
CA ALA A 111 -7.70 -5.35 -2.16
C ALA A 111 -7.70 -4.18 -3.14
N VAL A 112 -8.58 -4.21 -4.13
CA VAL A 112 -8.65 -3.12 -5.10
C VAL A 112 -9.18 -1.85 -4.43
N ASP A 113 -10.21 -1.99 -3.59
CA ASP A 113 -10.76 -0.82 -2.90
C ASP A 113 -9.65 -0.21 -2.03
N ALA A 114 -8.89 -1.06 -1.33
CA ALA A 114 -7.81 -0.59 -0.47
C ALA A 114 -6.69 0.08 -1.27
N GLY A 115 -6.39 -0.45 -2.45
CA GLY A 115 -5.36 0.14 -3.29
C GLY A 115 -5.79 1.51 -3.75
N ILE A 116 -7.06 1.63 -4.13
CA ILE A 116 -7.59 2.92 -4.57
C ILE A 116 -7.46 3.89 -3.41
N ALA A 117 -7.80 3.43 -2.20
CA ALA A 117 -7.71 4.27 -1.01
C ALA A 117 -6.27 4.71 -0.73
N LEU A 118 -5.34 3.76 -0.77
CA LEU A 118 -3.92 4.04 -0.52
C LEU A 118 -3.36 5.03 -1.54
N GLY A 119 -3.67 4.79 -2.81
CA GLY A 119 -3.19 5.68 -3.86
C GLY A 119 -3.75 7.08 -3.71
N THR A 120 -5.03 7.16 -3.33
CA THR A 120 -5.69 8.44 -3.16
C THR A 120 -5.13 9.19 -1.95
N ALA A 121 -4.86 8.46 -0.87
CA ALA A 121 -4.31 9.07 0.35
C ALA A 121 -2.90 9.58 0.05
N THR A 122 -2.14 8.80 -0.70
CA THR A 122 -0.78 9.18 -1.06
C THR A 122 -0.82 10.50 -1.83
N ALA A 123 -1.69 10.56 -2.83
CA ALA A 123 -1.82 11.76 -3.65
C ALA A 123 -2.21 12.97 -2.81
N ALA A 124 -3.19 12.79 -1.93
CA ALA A 124 -3.66 13.87 -1.07
C ALA A 124 -2.58 14.38 -0.12
N ALA A 125 -1.97 13.46 0.61
CA ALA A 125 -0.93 13.81 1.58
C ALA A 125 0.23 14.56 0.95
N GLU A 126 0.73 14.03 -0.18
CA GLU A 126 1.86 14.68 -0.84
C GLU A 126 1.53 16.05 -1.39
N SER A 127 0.26 16.28 -1.73
CA SER A 127 -0.15 17.60 -2.25
C SER A 127 -0.08 18.62 -1.13
N LEU A 128 -0.10 18.15 0.12
CA LEU A 128 -0.03 19.03 1.28
C LEU A 128 1.42 19.28 1.72
N GLY A 129 2.37 18.68 1.02
CA GLY A 129 3.77 18.88 1.35
C GLY A 129 4.29 17.78 2.27
N LEU A 130 3.45 16.80 2.56
CA LEU A 130 3.84 15.69 3.43
C LEU A 130 4.54 14.59 2.66
N GLY A 131 5.37 13.82 3.37
CA GLY A 131 6.06 12.71 2.75
C GLY A 131 5.33 11.45 3.15
N THR A 132 5.41 10.42 2.32
CA THR A 132 4.75 9.16 2.63
C THR A 132 5.53 7.97 2.09
N VAL A 133 5.21 6.79 2.60
CA VAL A 133 5.79 5.54 2.12
C VAL A 133 4.86 4.41 2.56
N PRO A 134 4.37 3.61 1.61
CA PRO A 134 3.47 2.52 1.99
C PRO A 134 4.27 1.44 2.70
N ILE A 135 3.58 0.59 3.46
CA ILE A 135 4.24 -0.49 4.19
C ILE A 135 3.50 -1.81 3.95
N GLY A 136 3.95 -2.58 2.96
CA GLY A 136 3.30 -3.84 2.68
C GLY A 136 3.68 -4.91 3.69
N ALA A 137 4.73 -4.65 4.46
CA ALA A 137 5.21 -5.59 5.46
C ALA A 137 4.22 -5.86 6.59
N VAL A 138 3.10 -5.13 6.62
CA VAL A 138 2.10 -5.37 7.64
C VAL A 138 1.52 -6.77 7.45
N ARG A 139 1.70 -7.32 6.25
CA ARG A 139 1.19 -8.66 5.97
C ARG A 139 2.15 -9.76 6.44
N GLY A 140 3.28 -9.35 7.03
CA GLY A 140 4.26 -10.31 7.51
C GLY A 140 3.88 -11.00 8.82
N ASN A 141 3.27 -10.25 9.72
CA ASN A 141 2.81 -10.78 11.01
C ASN A 141 1.39 -10.28 11.23
N PRO A 142 0.47 -10.67 10.34
CA PRO A 142 -0.94 -10.26 10.39
C PRO A 142 -1.72 -10.61 11.65
N GLN A 143 -1.51 -11.80 12.21
CA GLN A 143 -2.25 -12.17 13.41
C GLN A 143 -1.96 -11.23 14.59
N GLU A 144 -0.69 -10.94 14.83
CA GLU A 144 -0.31 -10.05 15.92
C GLU A 144 -0.92 -8.66 15.70
N LEU A 145 -0.85 -8.18 14.45
CA LEU A 145 -1.38 -6.87 14.12
C LEU A 145 -2.89 -6.85 14.28
N ILE A 146 -3.54 -7.93 13.86
CA ILE A 146 -5.00 -8.06 13.96
C ILE A 146 -5.42 -7.96 15.42
N GLU A 147 -4.68 -8.63 16.30
CA GLU A 147 -4.97 -8.61 17.73
C GLU A 147 -4.68 -7.26 18.34
N LEU A 148 -3.56 -6.65 17.96
CA LEU A 148 -3.17 -5.36 18.49
C LEU A 148 -4.18 -4.26 18.20
N LEU A 149 -4.68 -4.23 16.98
CA LEU A 149 -5.62 -3.20 16.57
C LEU A 149 -7.09 -3.62 16.65
N GLU A 150 -7.33 -4.80 17.20
CA GLU A 150 -8.68 -5.31 17.36
C GLU A 150 -9.46 -5.45 16.07
N LEU A 151 -8.79 -5.91 15.01
CA LEU A 151 -9.47 -6.08 13.73
C LEU A 151 -10.38 -7.30 13.89
N PRO A 152 -11.68 -7.13 13.63
CA PRO A 152 -12.63 -8.24 13.76
C PRO A 152 -12.66 -9.15 12.54
N LYS A 153 -13.48 -10.18 12.61
CA LYS A 153 -13.62 -11.10 11.49
C LYS A 153 -14.08 -10.27 10.27
N TYR A 154 -13.63 -10.69 9.09
CA TYR A 154 -13.95 -10.03 7.81
C TYR A 154 -13.14 -8.77 7.53
N VAL A 155 -12.11 -8.55 8.33
CA VAL A 155 -11.22 -7.40 8.16
C VAL A 155 -9.80 -7.94 8.15
N PHE A 156 -9.00 -7.51 7.17
CA PHE A 156 -7.61 -7.94 7.11
C PHE A 156 -6.69 -6.83 6.61
N PRO A 157 -5.50 -6.71 7.21
CA PRO A 157 -4.54 -5.68 6.82
C PRO A 157 -3.95 -5.89 5.44
N LEU A 158 -3.85 -4.82 4.67
CA LEU A 158 -3.27 -4.90 3.34
C LEU A 158 -1.99 -4.08 3.25
N SER A 159 -2.05 -2.83 3.69
CA SER A 159 -0.87 -1.98 3.63
C SER A 159 -0.95 -0.79 4.57
N GLY A 160 0.19 -0.42 5.13
CA GLY A 160 0.23 0.73 6.00
C GLY A 160 0.68 1.88 5.12
N LEU A 161 0.61 3.10 5.66
CA LEU A 161 1.07 4.27 4.95
C LEU A 161 1.66 5.20 5.99
N VAL A 162 2.96 5.43 5.90
CA VAL A 162 3.64 6.31 6.82
C VAL A 162 3.42 7.74 6.31
N ILE A 163 3.13 8.66 7.23
CA ILE A 163 2.92 10.06 6.86
C ILE A 163 3.62 10.97 7.86
N GLY A 164 4.28 12.00 7.33
CA GLY A 164 4.98 12.94 8.19
C GLY A 164 5.68 14.02 7.37
N HIS A 165 6.37 14.92 8.05
CA HIS A 165 7.10 15.99 7.36
C HIS A 165 8.48 15.44 6.96
N PRO A 166 8.84 15.56 5.68
CA PRO A 166 10.13 15.07 5.18
C PRO A 166 11.36 15.76 5.79
N ALA A 167 12.39 14.97 6.09
CA ALA A 167 13.64 15.51 6.61
C ALA A 167 14.61 15.49 5.43
N ASP A 168 14.29 14.64 4.45
CA ASP A 168 15.07 14.47 3.23
C ASP A 168 14.05 14.15 2.15
N ARG A 169 13.90 15.02 1.15
CA ARG A 169 12.92 14.75 0.10
C ARG A 169 13.34 13.75 -0.97
N SER A 170 14.54 13.18 -0.80
CA SER A 170 15.04 12.15 -1.72
C SER A 170 15.01 12.55 -3.19
N ALA A 171 14.72 11.58 -4.06
CA ALA A 171 14.66 11.81 -5.49
C ALA A 171 13.78 10.77 -6.18
N LYS A 172 13.31 11.10 -7.38
CA LYS A 172 12.46 10.20 -8.15
C LYS A 172 13.23 8.99 -8.67
N LYS A 173 12.59 7.83 -8.61
CA LYS A 173 13.17 6.57 -9.06
C LYS A 173 12.62 6.22 -10.45
N PRO A 174 13.51 5.91 -11.41
CA PRO A 174 13.11 5.57 -12.77
C PRO A 174 12.05 4.47 -12.84
N ARG A 175 11.13 4.61 -13.78
CA ARG A 175 10.07 3.62 -13.98
C ARG A 175 10.26 2.96 -15.33
N LEU A 176 9.61 1.81 -15.51
CA LEU A 176 9.67 1.07 -16.77
C LEU A 176 9.25 1.98 -17.92
N PRO A 177 9.77 1.75 -19.12
CA PRO A 177 9.39 2.59 -20.26
C PRO A 177 7.86 2.51 -20.39
N GLN A 178 7.22 3.62 -20.72
CA GLN A 178 5.78 3.67 -20.85
C GLN A 178 5.20 2.56 -21.72
N GLU A 179 5.88 2.26 -22.83
CA GLU A 179 5.42 1.23 -23.77
C GLU A 179 5.37 -0.16 -23.14
N ALA A 180 6.15 -0.37 -22.10
CA ALA A 180 6.19 -1.67 -21.43
C ALA A 180 5.04 -1.87 -20.45
N VAL A 181 4.45 -0.76 -20.02
CA VAL A 181 3.37 -0.80 -19.04
C VAL A 181 1.99 -0.46 -19.60
N ASN A 182 1.94 0.44 -20.57
CA ASN A 182 0.69 0.84 -21.19
C ASN A 182 0.72 0.27 -22.60
N HIS A 183 -0.13 -0.72 -22.87
CA HIS A 183 -0.17 -1.37 -24.18
C HIS A 183 -1.40 -0.91 -24.96
N GLN A 184 -1.24 -0.74 -26.27
CA GLN A 184 -2.34 -0.29 -27.12
C GLN A 184 -3.14 -1.43 -27.73
N GLU A 185 -4.43 -1.46 -27.41
CA GLU A 185 -5.39 -2.45 -27.91
C GLU A 185 -5.22 -3.89 -27.41
N THR A 186 -4.01 -4.42 -27.51
CA THR A 186 -3.74 -5.78 -27.03
C THR A 186 -2.43 -5.81 -26.25
N TYR A 187 -2.24 -6.86 -25.46
CA TYR A 187 -1.03 -7.00 -24.66
C TYR A 187 0.20 -7.09 -25.57
N LEU A 188 1.26 -6.39 -25.19
CA LEU A 188 2.50 -6.34 -25.95
C LEU A 188 3.21 -7.68 -26.11
N ASN A 189 3.68 -7.97 -27.33
CA ASN A 189 4.38 -9.22 -27.60
C ASN A 189 5.55 -9.40 -26.63
N GLN A 190 5.79 -10.65 -26.25
CA GLN A 190 6.84 -10.97 -25.28
C GLN A 190 8.25 -10.49 -25.65
N ASP A 191 8.64 -10.61 -26.91
CA ASP A 191 9.97 -10.19 -27.34
C ASP A 191 10.23 -8.70 -27.10
N GLU A 192 9.28 -7.85 -27.52
CA GLU A 192 9.43 -6.41 -27.33
C GLU A 192 9.44 -6.07 -25.84
N LEU A 193 8.57 -6.73 -25.09
CA LEU A 193 8.46 -6.49 -23.66
C LEU A 193 9.80 -6.79 -22.99
N THR A 194 10.41 -7.90 -23.40
CA THR A 194 11.69 -8.29 -22.83
C THR A 194 12.74 -7.21 -23.13
N SER A 195 12.75 -6.71 -24.36
CA SER A 195 13.70 -5.67 -24.75
C SER A 195 13.56 -4.43 -23.88
N HIS A 196 12.32 -4.03 -23.57
CA HIS A 196 12.09 -2.86 -22.73
C HIS A 196 12.65 -3.08 -21.33
N ILE A 197 12.48 -4.30 -20.82
CA ILE A 197 12.99 -4.61 -19.49
C ILE A 197 14.51 -4.55 -19.44
N GLN A 198 15.16 -5.07 -20.48
CA GLN A 198 16.63 -5.05 -20.53
C GLN A 198 17.14 -3.60 -20.63
N ALA A 199 16.43 -2.75 -21.35
CA ALA A 199 16.84 -1.35 -21.48
C ALA A 199 16.65 -0.68 -20.13
N TYR A 200 15.54 -1.01 -19.47
CA TYR A 200 15.24 -0.46 -18.15
C TYR A 200 16.32 -0.85 -17.16
N ASP A 201 16.80 -2.08 -17.26
CA ASP A 201 17.85 -2.56 -16.35
C ASP A 201 19.10 -1.69 -16.43
N GLU A 202 19.53 -1.35 -17.63
CA GLU A 202 20.71 -0.52 -17.80
C GLU A 202 20.48 0.84 -17.16
N GLN A 203 19.28 1.37 -17.38
CA GLN A 203 18.91 2.66 -16.81
C GLN A 203 18.95 2.62 -15.29
N MET A 204 18.39 1.55 -14.73
CA MET A 204 18.34 1.39 -13.27
C MET A 204 19.71 1.22 -12.61
N SER A 205 20.59 0.43 -13.23
CA SER A 205 21.91 0.22 -12.66
C SER A 205 22.65 1.55 -12.62
N GLU A 206 22.57 2.31 -13.71
CA GLU A 206 23.22 3.61 -13.78
C GLU A 206 22.67 4.54 -12.71
N TYR A 207 21.35 4.53 -12.55
CA TYR A 207 20.68 5.37 -11.56
C TYR A 207 21.16 5.03 -10.15
N MET A 208 21.19 3.75 -9.82
CA MET A 208 21.62 3.31 -8.50
C MET A 208 23.08 3.67 -8.24
N ASN A 209 23.91 3.51 -9.26
CA ASN A 209 25.33 3.80 -9.14
C ASN A 209 25.55 5.24 -8.69
N LYS A 210 25.08 6.20 -9.48
CA LYS A 210 25.23 7.61 -9.16
C LYS A 210 24.45 8.01 -7.91
N ARG A 211 23.40 7.27 -7.61
CA ARG A 211 22.57 7.55 -6.45
C ARG A 211 23.25 7.11 -5.15
N THR A 212 23.93 5.96 -5.21
CA THR A 212 24.61 5.42 -4.03
C THR A 212 26.12 5.65 -4.10
N ASN A 213 26.55 6.38 -5.13
CA ASN A 213 27.98 6.67 -5.31
C ASN A 213 28.78 5.40 -5.55
N GLY A 214 28.10 4.32 -5.93
CA GLY A 214 28.79 3.07 -6.20
C GLY A 214 28.51 1.96 -5.20
N LYS A 215 27.92 2.32 -4.06
CA LYS A 215 27.62 1.33 -3.02
C LYS A 215 26.68 0.24 -3.54
N GLU A 216 25.75 0.63 -4.42
CA GLU A 216 24.79 -0.32 -4.99
C GLU A 216 24.62 -0.07 -6.49
N THR A 217 24.67 -1.15 -7.26
CA THR A 217 24.54 -1.07 -8.71
C THR A 217 23.55 -2.10 -9.27
N ARG A 218 22.81 -2.76 -8.38
CA ARG A 218 21.84 -3.77 -8.79
C ARG A 218 20.80 -3.15 -9.73
N ASN A 219 20.40 -3.88 -10.76
CA ASN A 219 19.39 -3.34 -11.68
C ASN A 219 18.00 -3.78 -11.22
N TRP A 220 17.00 -3.57 -12.07
CA TRP A 220 15.62 -3.92 -11.73
C TRP A 220 15.35 -5.42 -11.69
N SER A 221 15.59 -6.12 -12.79
CA SER A 221 15.33 -7.55 -12.81
C SER A 221 16.07 -8.29 -11.70
N GLN A 222 17.29 -7.86 -11.38
CA GLN A 222 18.06 -8.49 -10.31
C GLN A 222 17.34 -8.28 -8.99
N SER A 223 16.79 -7.10 -8.78
CA SER A 223 16.08 -6.81 -7.54
C SER A 223 14.81 -7.66 -7.44
N ILE A 224 14.02 -7.64 -8.51
CA ILE A 224 12.78 -8.41 -8.55
C ILE A 224 13.04 -9.89 -8.34
N ALA A 225 14.09 -10.40 -8.95
CA ALA A 225 14.44 -11.81 -8.83
C ALA A 225 14.90 -12.14 -7.42
N SER A 226 15.52 -11.19 -6.72
CA SER A 226 15.98 -11.44 -5.37
C SER A 226 14.83 -11.56 -4.38
N TYR A 227 13.65 -11.08 -4.77
CA TYR A 227 12.48 -11.15 -3.89
C TYR A 227 11.52 -12.28 -4.23
N TYR A 228 11.20 -12.41 -5.51
CA TYR A 228 10.21 -13.39 -5.95
C TYR A 228 10.65 -14.83 -6.18
N GLU A 229 11.91 -15.15 -5.88
CA GLU A 229 12.41 -16.51 -6.06
C GLU A 229 11.84 -17.43 -4.97
N ARG A 230 11.16 -16.84 -3.99
CA ARG A 230 10.55 -17.58 -2.89
C ARG A 230 9.20 -16.94 -2.53
N LEU A 231 8.28 -17.75 -2.02
CA LEU A 231 6.98 -17.22 -1.59
C LEU A 231 7.29 -16.70 -0.18
N TYR A 232 7.70 -15.43 -0.10
CA TYR A 232 8.07 -14.84 1.17
C TYR A 232 7.00 -14.80 2.26
N TYR A 233 5.73 -14.75 1.87
CA TYR A 233 4.62 -14.77 2.84
C TYR A 233 3.70 -15.94 2.47
N PRO A 234 4.05 -17.17 2.89
CA PRO A 234 3.25 -18.36 2.59
C PRO A 234 2.04 -18.56 3.48
N HIS A 235 1.82 -17.62 4.40
CA HIS A 235 0.72 -17.68 5.36
C HIS A 235 -0.49 -16.82 5.00
N ILE A 236 -0.52 -16.27 3.78
CA ILE A 236 -1.64 -15.41 3.40
C ILE A 236 -3.00 -16.10 3.38
N ARG A 237 -3.09 -17.28 2.76
CA ARG A 237 -4.36 -17.98 2.71
C ARG A 237 -4.85 -18.24 4.12
N GLU A 238 -3.93 -18.64 5.00
CA GLU A 238 -4.27 -18.92 6.39
C GLU A 238 -4.85 -17.68 7.07
N MET A 239 -4.21 -16.53 6.87
CA MET A 239 -4.67 -15.27 7.46
C MET A 239 -6.09 -14.99 7.00
N LEU A 240 -6.29 -15.05 5.69
CA LEU A 240 -7.60 -14.80 5.09
C LEU A 240 -8.68 -15.70 5.66
N GLU A 241 -8.40 -17.01 5.75
CA GLU A 241 -9.39 -17.95 6.27
C GLU A 241 -9.70 -17.65 7.74
N LYS A 242 -8.67 -17.32 8.50
CA LYS A 242 -8.85 -17.01 9.91
C LYS A 242 -9.72 -15.77 10.08
N GLN A 243 -9.71 -14.91 9.08
CA GLN A 243 -10.51 -13.69 9.12
C GLN A 243 -11.87 -13.84 8.44
N GLY A 244 -12.28 -15.09 8.19
CA GLY A 244 -13.59 -15.33 7.60
C GLY A 244 -13.68 -15.38 6.09
N PHE A 245 -12.55 -15.28 5.40
CA PHE A 245 -12.55 -15.34 3.95
C PHE A 245 -12.22 -16.75 3.51
N LYS A 246 -13.07 -17.33 2.68
CA LYS A 246 -12.85 -18.69 2.21
C LYS A 246 -12.49 -18.72 0.73
N VAL A 247 -11.65 -19.68 0.36
CA VAL A 247 -11.27 -19.85 -1.03
C VAL A 247 -12.25 -20.85 -1.62
N GLU A 248 -12.94 -20.48 -2.70
CA GLU A 248 -13.91 -21.38 -3.29
C GLU A 248 -13.22 -22.65 -3.78
N LYS A 249 -13.96 -23.75 -3.79
CA LYS A 249 -13.41 -25.03 -4.23
C LYS A 249 -13.58 -25.19 -5.73
#